data_6Y9J
#
_entry.id   6Y9J
#
_cell.length_a   74.220
_cell.length_b   104.140
_cell.length_c   69.090
_cell.angle_alpha   90.000
_cell.angle_beta   90.000
_cell.angle_gamma   90.000
#
_symmetry.space_group_name_H-M   'C 2 2 21'
#
loop_
_entity.id
_entity.type
_entity.pdbx_description
1 polymer Epa1p
2 branched beta-D-galactopyranose-(1-4)-beta-D-glucopyranose
3 non-polymer 'CALCIUM ION'
4 non-polymer 'CHLORIDE ION'
5 non-polymer 'SODIUM ION'
6 water water
#
_entity_poly.entity_id   1
_entity_poly.type   'polypeptide(L)'
_entity_poly.pdbx_seq_one_letter_code
;MGSSHHHHHHSSGLVPRGSHMTSSNDISLASKDPTTFPLGCSPDITTPKKGLSMELYSYDFRKKGSYPCWDAAYLDPNYP
RTGYKSHRLLAKVDGVTGNINFYYHATKGCTPQLGHLPASYNYPKPLTMTNFTMLLYGYFRPKVTGFHTFTISADDLLFV
NFGAGNAFDCCRRDSSADHFGNYQAYAIWGSKTAKDELTVHLDAGVYYPIRLFYNNRDYHGALSFTFKTESNENTVSDFS
EYFFSLDDTEEGCPGLISYDSS
;
_entity_poly.pdbx_strand_id   A
#
loop_
_chem_comp.id
_chem_comp.type
_chem_comp.name
_chem_comp.formula
BGC D-saccharide, beta linking beta-D-glucopyranose 'C6 H12 O6'
CA non-polymer 'CALCIUM ION' 'Ca 2'
CL non-polymer 'CHLORIDE ION' 'Cl -1'
GAL D-saccharide, beta linking beta-D-galactopyranose 'C6 H12 O6'
NA non-polymer 'SODIUM ION' 'Na 1'
#
# COMPACT_ATOMS: atom_id res chain seq x y z
N HIS A 10 15.33 19.78 14.42
CA HIS A 10 14.12 20.57 14.26
C HIS A 10 14.23 21.93 14.95
N SER A 11 15.38 22.19 15.56
N ALA A 30 -18.89 -7.00 -3.46
CA ALA A 30 -18.64 -7.31 -2.06
C ALA A 30 -18.86 -6.07 -1.19
N SER A 31 -19.21 -6.30 0.07
CA SER A 31 -19.30 -5.23 1.04
C SER A 31 -17.95 -4.50 1.12
N LYS A 32 -18.01 -3.24 1.54
CA LYS A 32 -16.80 -2.45 1.75
C LYS A 32 -16.22 -2.63 3.15
N ASP A 33 -16.94 -3.23 4.08
CA ASP A 33 -16.46 -3.23 5.46
C ASP A 33 -15.30 -4.21 5.65
N PRO A 34 -14.37 -3.90 6.56
CA PRO A 34 -13.29 -4.86 6.81
C PRO A 34 -13.85 -6.11 7.48
N THR A 35 -13.29 -7.26 7.10
CA THR A 35 -13.76 -8.53 7.64
C THR A 35 -12.59 -9.48 7.82
N THR A 36 -12.81 -10.48 8.68
CA THR A 36 -11.85 -11.56 8.89
C THR A 36 -11.91 -12.62 7.79
N PHE A 37 -13.00 -12.65 7.01
CA PHE A 37 -13.15 -13.61 5.91
C PHE A 37 -13.32 -12.84 4.61
N PRO A 38 -12.27 -12.20 4.14
CA PRO A 38 -12.39 -11.36 2.96
C PRO A 38 -12.70 -12.16 1.70
N LEU A 39 -13.36 -11.50 0.77
CA LEU A 39 -13.61 -12.09 -0.53
C LEU A 39 -12.41 -11.91 -1.45
N GLY A 40 -12.18 -12.89 -2.30
CA GLY A 40 -11.10 -12.90 -3.25
C GLY A 40 -11.60 -13.05 -4.67
N CYS A 41 -10.63 -13.24 -5.55
CA CYS A 41 -10.85 -13.13 -6.99
C CYS A 41 -10.22 -14.31 -7.72
N SER A 42 -10.83 -14.65 -8.85
CA SER A 42 -10.41 -15.78 -9.68
C SER A 42 -10.03 -15.32 -11.07
N PRO A 43 -8.76 -15.09 -11.37
CA PRO A 43 -8.39 -14.66 -12.72
C PRO A 43 -8.65 -15.77 -13.73
N ASP A 44 -8.89 -15.36 -14.98
CA ASP A 44 -9.15 -16.34 -16.02
C ASP A 44 -7.84 -16.73 -16.71
N ILE A 45 -7.84 -16.79 -18.04
CA ILE A 45 -6.75 -17.44 -18.75
C ILE A 45 -5.45 -16.68 -18.61
N THR A 46 -5.50 -15.35 -18.53
CA THR A 46 -4.28 -14.54 -18.59
C THR A 46 -3.44 -14.72 -17.33
N THR A 47 -2.15 -15.00 -17.52
CA THR A 47 -1.27 -15.20 -16.38
CA THR A 47 -1.27 -15.20 -16.39
C THR A 47 -1.16 -13.90 -15.58
N PRO A 48 -1.39 -13.93 -14.26
CA PRO A 48 -1.18 -12.73 -13.44
C PRO A 48 0.23 -12.23 -13.63
N LYS A 49 0.38 -10.91 -13.65
CA LYS A 49 1.68 -10.29 -13.79
C LYS A 49 2.30 -10.13 -12.41
N LYS A 50 3.60 -10.30 -12.31
CA LYS A 50 4.28 -10.18 -11.03
C LYS A 50 4.23 -8.75 -10.51
N GLY A 51 3.92 -8.62 -9.24
CA GLY A 51 4.11 -7.38 -8.51
C GLY A 51 2.86 -6.51 -8.45
N LEU A 52 2.97 -5.46 -7.63
CA LEU A 52 1.96 -4.44 -7.48
C LEU A 52 2.28 -3.25 -8.38
N SER A 53 1.26 -2.42 -8.60
N SER A 53 1.29 -2.40 -8.59
CA SER A 53 1.43 -1.10 -9.17
CA SER A 53 1.53 -1.11 -9.22
C SER A 53 1.74 -0.11 -8.05
C SER A 53 1.64 -0.03 -8.15
N MET A 54 2.55 0.90 -8.38
CA MET A 54 2.91 1.95 -7.42
CA MET A 54 2.84 1.94 -7.41
C MET A 54 2.74 3.31 -8.08
N GLU A 55 2.24 4.27 -7.31
CA GLU A 55 2.19 5.67 -7.67
C GLU A 55 2.86 6.48 -6.57
N LEU A 56 3.67 7.46 -6.97
CA LEU A 56 4.39 8.32 -6.06
CA LEU A 56 4.43 8.31 -6.08
C LEU A 56 3.98 9.75 -6.28
N TYR A 57 3.74 10.47 -5.19
CA TYR A 57 3.28 11.86 -5.19
C TYR A 57 4.12 12.70 -4.24
N SER A 58 4.25 13.98 -4.57
CA SER A 58 4.92 14.89 -3.67
CA SER A 58 4.90 14.93 -3.68
C SER A 58 4.07 15.16 -2.44
N TYR A 59 4.75 15.64 -1.39
CA TYR A 59 4.10 16.03 -0.13
C TYR A 59 4.97 17.15 0.45
N ASP A 60 4.65 18.38 0.11
CA ASP A 60 5.48 19.51 0.51
C ASP A 60 5.40 19.78 2.02
N PHE A 61 6.47 20.39 2.55
CA PHE A 61 6.40 21.02 3.85
C PHE A 61 5.55 22.28 3.78
N ARG A 62 5.18 22.79 4.94
CA ARG A 62 4.59 24.13 5.04
C ARG A 62 5.66 25.19 4.82
N LYS A 63 5.22 26.43 4.67
CA LYS A 63 6.15 27.52 4.44
C LYS A 63 7.12 27.66 5.61
N LYS A 64 8.31 28.17 5.30
CA LYS A 64 9.36 28.29 6.30
C LYS A 64 8.85 29.08 7.50
N GLY A 65 9.16 28.59 8.70
CA GLY A 65 8.74 29.23 9.92
C GLY A 65 7.43 28.74 10.49
N SER A 66 6.71 27.88 9.77
CA SER A 66 5.45 27.37 10.27
C SER A 66 5.69 26.42 11.45
N TYR A 67 4.73 26.39 12.35
CA TYR A 67 4.79 25.54 13.55
C TYR A 67 3.60 24.60 13.55
N PRO A 68 3.79 23.29 13.40
CA PRO A 68 5.05 22.64 13.05
C PRO A 68 5.36 22.85 11.58
N CYS A 69 6.55 22.44 11.16
CA CYS A 69 6.94 22.70 9.78
C CYS A 69 6.25 21.78 8.81
N TRP A 70 5.81 20.61 9.26
CA TRP A 70 5.18 19.62 8.43
C TRP A 70 3.69 19.95 8.28
N ASP A 71 3.13 19.52 7.15
CA ASP A 71 1.73 19.72 6.81
C ASP A 71 0.93 18.57 7.39
N ALA A 72 -0.20 18.90 8.06
CA ALA A 72 -1.07 17.88 8.63
C ALA A 72 -2.08 17.34 7.62
N ALA A 73 -1.99 17.74 6.34
CA ALA A 73 -2.93 17.26 5.33
C ALA A 73 -2.98 15.73 5.27
N TYR A 74 -1.87 15.06 5.54
CA TYR A 74 -1.81 13.60 5.46
C TYR A 74 -2.85 12.92 6.34
N LEU A 75 -3.34 13.61 7.37
N LEU A 75 -3.39 13.61 7.34
CA LEU A 75 -4.32 13.08 8.30
CA LEU A 75 -4.43 13.04 8.17
C LEU A 75 -5.75 13.54 8.00
C LEU A 75 -5.81 13.66 7.94
N ASP A 76 -5.96 14.36 6.98
N ASP A 76 -6.00 14.43 6.86
CA ASP A 76 -7.32 14.68 6.58
CA ASP A 76 -7.36 14.74 6.42
C ASP A 76 -8.02 13.39 6.22
C ASP A 76 -8.06 13.41 6.13
N PRO A 77 -9.27 13.17 6.64
CA PRO A 77 -9.90 11.86 6.40
C PRO A 77 -9.99 11.49 4.93
N ASN A 78 -10.05 12.45 4.01
CA ASN A 78 -10.10 12.13 2.59
C ASN A 78 -8.76 12.24 1.90
N TYR A 79 -7.68 12.49 2.63
CA TYR A 79 -6.38 12.54 1.98
C TYR A 79 -6.05 11.24 1.23
N PRO A 80 -6.31 10.06 1.80
CA PRO A 80 -5.96 8.81 1.09
C PRO A 80 -6.91 8.47 -0.01
N ARG A 81 -8.00 9.23 -0.17
CA ARG A 81 -9.07 8.95 -1.11
C ARG A 81 -9.00 9.88 -2.30
N THR A 82 -9.04 11.19 -2.05
CA THR A 82 -8.97 12.20 -3.09
C THR A 82 -7.85 13.21 -2.91
N GLY A 83 -7.45 13.52 -1.67
CA GLY A 83 -6.55 14.64 -1.46
C GLY A 83 -5.16 14.42 -2.05
N TYR A 84 -4.66 13.19 -2.01
CA TYR A 84 -3.30 12.93 -2.47
C TYR A 84 -3.16 13.28 -3.94
N LYS A 85 -4.23 13.15 -4.73
N LYS A 85 -4.24 13.14 -4.72
CA LYS A 85 -4.19 13.33 -6.17
CA LYS A 85 -4.19 13.35 -6.17
C LYS A 85 -4.00 14.79 -6.56
C LYS A 85 -3.88 14.78 -6.54
N SER A 86 -4.17 15.72 -5.63
N SER A 86 -4.15 15.74 -5.65
CA SER A 86 -3.97 17.13 -5.94
CA SER A 86 -4.00 17.13 -6.02
C SER A 86 -2.51 17.53 -5.86
C SER A 86 -2.54 17.56 -6.10
N HIS A 87 -1.65 16.61 -5.43
N HIS A 87 -1.66 16.89 -5.36
CA HIS A 87 -0.22 16.84 -5.29
CA HIS A 87 -0.28 17.32 -5.32
C HIS A 87 0.51 16.40 -6.56
C HIS A 87 0.36 17.09 -6.69
N ARG A 88 1.73 16.84 -6.70
N ARG A 88 1.66 16.77 -6.71
CA ARG A 88 2.44 16.55 -7.95
CA ARG A 88 2.40 16.53 -7.92
C ARG A 88 2.70 15.06 -8.10
C ARG A 88 2.64 15.04 -8.08
N LEU A 89 2.32 14.51 -9.23
CA LEU A 89 2.61 13.12 -9.55
C LEU A 89 4.08 12.97 -9.91
N LEU A 90 4.75 12.07 -9.21
CA LEU A 90 6.17 11.80 -9.46
C LEU A 90 6.40 10.60 -10.35
N ALA A 91 5.61 9.54 -10.22
CA ALA A 91 5.90 8.30 -10.92
C ALA A 91 4.68 7.38 -10.85
N LYS A 92 4.59 6.52 -11.85
CA LYS A 92 3.70 5.36 -11.79
CA LYS A 92 3.71 5.36 -11.80
C LYS A 92 4.45 4.20 -12.41
N VAL A 93 4.66 3.14 -11.63
N VAL A 93 4.59 3.13 -11.63
CA VAL A 93 5.45 2.00 -12.08
CA VAL A 93 5.45 2.00 -11.96
C VAL A 93 4.70 0.71 -11.78
C VAL A 93 4.65 0.71 -11.80
N ASP A 94 5.10 -0.32 -12.50
CA ASP A 94 4.57 -1.67 -12.39
C ASP A 94 5.64 -2.59 -11.81
N GLY A 95 5.20 -3.76 -11.36
CA GLY A 95 6.12 -4.81 -11.01
C GLY A 95 6.77 -4.69 -9.66
N VAL A 96 6.18 -3.97 -8.71
CA VAL A 96 6.75 -3.82 -7.39
C VAL A 96 6.56 -5.10 -6.59
N THR A 97 7.68 -5.71 -6.19
CA THR A 97 7.59 -6.96 -5.43
C THR A 97 8.93 -7.25 -4.80
N GLY A 98 8.99 -8.32 -4.04
CA GLY A 98 10.12 -8.62 -3.22
C GLY A 98 9.89 -8.13 -1.81
N ASN A 99 10.96 -7.73 -1.14
CA ASN A 99 10.86 -7.13 0.19
C ASN A 99 10.66 -5.64 -0.02
N ILE A 100 9.49 -5.13 0.39
CA ILE A 100 9.14 -3.73 0.19
C ILE A 100 9.39 -2.89 1.44
N ASN A 101 9.98 -3.48 2.47
CA ASN A 101 10.23 -2.71 3.68
C ASN A 101 11.38 -1.73 3.44
N PHE A 102 11.37 -0.61 4.14
CA PHE A 102 12.49 0.32 4.08
C PHE A 102 12.56 1.12 5.36
N TYR A 103 13.76 1.59 5.63
CA TYR A 103 14.04 2.56 6.67
C TYR A 103 14.87 3.65 6.04
N TYR A 104 14.38 4.87 6.07
CA TYR A 104 15.07 6.04 5.57
C TYR A 104 15.44 6.89 6.78
N HIS A 105 16.73 7.12 6.95
CA HIS A 105 17.26 7.88 8.06
C HIS A 105 17.67 9.26 7.54
N ALA A 106 16.93 10.27 7.98
CA ALA A 106 17.17 11.66 7.60
C ALA A 106 18.20 12.26 8.54
N THR A 107 18.80 13.36 8.10
CA THR A 107 19.79 14.04 8.94
C THR A 107 19.33 15.37 9.50
N LYS A 108 18.19 15.90 9.07
CA LYS A 108 17.68 17.18 9.55
C LYS A 108 16.18 17.16 9.39
N GLY A 109 15.47 17.68 10.40
CA GLY A 109 14.03 17.81 10.30
C GLY A 109 13.63 19.00 9.46
N CYS A 110 12.36 19.03 9.06
CA CYS A 110 11.77 20.18 8.38
C CYS A 110 12.46 20.49 7.06
N THR A 111 13.09 19.47 6.45
CA THR A 111 13.95 19.68 5.29
C THR A 111 13.73 18.58 4.27
N PRO A 112 13.47 18.92 3.00
CA PRO A 112 13.42 17.87 1.97
C PRO A 112 14.81 17.30 1.73
N GLN A 113 14.94 15.99 1.87
CA GLN A 113 16.21 15.31 1.65
C GLN A 113 15.99 14.14 0.71
N LEU A 114 16.98 13.91 -0.13
CA LEU A 114 16.87 12.89 -1.16
C LEU A 114 17.21 11.51 -0.63
N GLY A 115 16.65 10.51 -1.29
CA GLY A 115 16.99 9.13 -1.08
C GLY A 115 16.39 8.30 -2.20
N HIS A 116 16.57 7.01 -2.08
CA HIS A 116 16.11 6.05 -3.06
C HIS A 116 15.30 4.98 -2.36
N LEU A 117 14.24 4.53 -3.02
CA LEU A 117 13.53 3.35 -2.57
C LEU A 117 14.36 2.10 -2.83
N PRO A 118 14.12 1.02 -2.09
CA PRO A 118 14.76 -0.25 -2.43
C PRO A 118 14.47 -0.66 -3.85
N ALA A 119 15.36 -1.49 -4.40
CA ALA A 119 15.24 -1.94 -5.79
C ALA A 119 13.93 -2.66 -6.07
N SER A 120 13.32 -3.24 -5.04
CA SER A 120 12.02 -3.88 -5.19
C SER A 120 10.97 -2.96 -5.79
N TYR A 121 11.09 -1.65 -5.59
CA TYR A 121 10.10 -0.70 -6.06
C TYR A 121 10.24 -0.33 -7.53
N ASN A 122 11.29 -0.77 -8.21
CA ASN A 122 11.41 -0.55 -9.66
CA ASN A 122 11.41 -0.54 -9.66
C ASN A 122 11.41 0.94 -10.00
N TYR A 123 11.98 1.76 -9.13
CA TYR A 123 12.00 3.21 -9.32
C TYR A 123 13.42 3.66 -9.07
N PRO A 124 14.21 3.92 -10.11
N PRO A 124 14.21 3.86 -10.13
CA PRO A 124 15.63 4.21 -9.87
CA PRO A 124 15.65 4.10 -9.93
C PRO A 124 15.91 5.62 -9.38
C PRO A 124 16.06 5.56 -10.00
N LYS A 125 15.04 6.58 -9.68
N LYS A 125 15.19 6.42 -9.47
CA LYS A 125 15.38 7.98 -9.49
CA LYS A 125 15.46 7.85 -9.42
C LYS A 125 15.40 8.34 -8.00
C LYS A 125 15.39 8.33 -7.98
N PRO A 126 16.19 9.34 -7.62
CA PRO A 126 16.07 9.91 -6.26
C PRO A 126 14.71 10.57 -6.09
N LEU A 127 14.24 10.55 -4.86
CA LEU A 127 13.06 11.31 -4.50
C LEU A 127 13.26 11.89 -3.10
N THR A 128 12.37 12.79 -2.72
CA THR A 128 12.41 13.40 -1.37
C THR A 128 11.83 12.38 -0.38
N MET A 129 12.69 11.49 0.13
CA MET A 129 12.29 10.40 1.01
CA MET A 129 12.20 10.41 0.98
C MET A 129 11.79 10.89 2.35
N THR A 130 12.13 12.13 2.72
CA THR A 130 11.63 12.78 3.92
C THR A 130 10.16 13.17 3.86
N ASN A 131 9.60 13.29 2.67
CA ASN A 131 8.30 13.94 2.50
C ASN A 131 7.71 13.53 1.15
N PHE A 132 6.87 12.51 1.17
CA PHE A 132 6.27 11.98 -0.04
C PHE A 132 5.11 11.09 0.33
N THR A 133 4.29 10.79 -0.68
CA THR A 133 3.17 9.89 -0.55
C THR A 133 3.26 8.78 -1.59
N MET A 134 2.85 7.58 -1.21
CA MET A 134 2.96 6.42 -2.09
C MET A 134 1.72 5.54 -1.98
N LEU A 135 1.20 5.13 -3.13
CA LEU A 135 0.07 4.21 -3.21
C LEU A 135 0.54 2.95 -3.92
N LEU A 136 0.22 1.79 -3.34
N LEU A 136 0.25 1.80 -3.34
CA LEU A 136 0.47 0.49 -3.95
CA LEU A 136 0.43 0.54 -4.04
C LEU A 136 -0.84 -0.28 -4.03
C LEU A 136 -0.91 -0.17 -4.10
N TYR A 137 -1.11 -0.92 -5.17
CA TYR A 137 -2.32 -1.70 -5.28
CA TYR A 137 -2.32 -1.70 -5.28
C TYR A 137 -2.11 -2.89 -6.20
N GLY A 138 -2.91 -3.92 -5.96
CA GLY A 138 -2.88 -5.13 -6.77
C GLY A 138 -3.52 -6.23 -5.95
N TYR A 139 -2.94 -7.43 -5.98
CA TYR A 139 -3.56 -8.59 -5.34
C TYR A 139 -2.52 -9.37 -4.56
N PHE A 140 -2.96 -9.92 -3.44
CA PHE A 140 -2.18 -10.86 -2.65
C PHE A 140 -2.69 -12.27 -2.90
N ARG A 141 -1.78 -13.18 -3.26
CA ARG A 141 -2.07 -14.60 -3.55
C ARG A 141 -1.46 -15.40 -2.42
N PRO A 142 -2.23 -16.07 -1.57
CA PRO A 142 -1.63 -16.91 -0.52
C PRO A 142 -1.10 -18.21 -1.08
N LYS A 143 -0.19 -18.80 -0.30
CA LYS A 143 0.27 -20.17 -0.49
C LYS A 143 -0.35 -21.17 0.50
N VAL A 144 -1.02 -20.67 1.53
CA VAL A 144 -1.58 -21.43 2.65
C VAL A 144 -3.06 -21.13 2.66
N THR A 145 -3.89 -22.15 2.89
CA THR A 145 -5.28 -21.92 3.23
C THR A 145 -5.38 -21.91 4.74
N GLY A 146 -5.77 -20.77 5.29
CA GLY A 146 -5.87 -20.63 6.72
C GLY A 146 -5.63 -19.19 7.14
N PHE A 147 -5.53 -19.03 8.45
CA PHE A 147 -5.38 -17.70 9.02
C PHE A 147 -3.99 -17.13 8.75
N HIS A 148 -3.96 -15.90 8.28
CA HIS A 148 -2.76 -15.09 8.10
C HIS A 148 -2.88 -13.88 9.01
N THR A 149 -1.78 -13.49 9.63
CA THR A 149 -1.69 -12.23 10.38
C THR A 149 -0.64 -11.37 9.70
N PHE A 150 -1.09 -10.25 9.14
CA PHE A 150 -0.20 -9.25 8.56
C PHE A 150 0.12 -8.24 9.65
N THR A 151 1.39 -7.90 9.79
CA THR A 151 1.84 -6.92 10.77
C THR A 151 2.43 -5.73 10.03
N ILE A 152 2.06 -4.52 10.46
CA ILE A 152 2.52 -3.31 9.83
C ILE A 152 3.04 -2.33 10.86
N SER A 153 3.99 -1.52 10.40
CA SER A 153 4.48 -0.37 11.13
CA SER A 153 4.43 -0.34 11.13
C SER A 153 4.88 0.67 10.10
N ALA A 154 4.84 1.96 10.49
CA ALA A 154 5.20 3.00 9.53
C ALA A 154 5.61 4.27 10.23
N ASP A 155 6.46 5.02 9.54
CA ASP A 155 6.77 6.41 9.85
C ASP A 155 6.63 7.12 8.50
N ASP A 156 5.55 7.88 8.27
CA ASP A 156 4.53 8.30 9.23
C ASP A 156 3.26 7.47 9.23
N LEU A 157 2.82 7.02 8.06
CA LEU A 157 1.49 6.47 7.92
C LEU A 157 1.52 5.30 6.96
N LEU A 158 0.79 4.23 7.30
CA LEU A 158 0.48 3.14 6.36
C LEU A 158 -0.95 2.71 6.63
N PHE A 159 -1.82 2.84 5.63
CA PHE A 159 -3.21 2.43 5.70
C PHE A 159 -3.41 1.27 4.74
N VAL A 160 -4.01 0.18 5.22
CA VAL A 160 -4.19 -1.04 4.45
C VAL A 160 -5.67 -1.34 4.30
N ASN A 161 -6.07 -1.57 3.05
CA ASN A 161 -7.33 -2.20 2.71
C ASN A 161 -7.04 -3.57 2.10
N PHE A 162 -7.96 -4.51 2.33
CA PHE A 162 -7.71 -5.90 1.94
C PHE A 162 -9.03 -6.62 1.72
N GLY A 163 -9.17 -7.23 0.56
CA GLY A 163 -10.36 -7.97 0.20
C GLY A 163 -11.18 -7.26 -0.86
N ALA A 164 -11.93 -8.05 -1.62
CA ALA A 164 -12.80 -7.46 -2.61
C ALA A 164 -13.79 -6.54 -1.90
N GLY A 165 -14.07 -5.41 -2.52
CA GLY A 165 -14.93 -4.42 -1.89
C GLY A 165 -14.17 -3.51 -0.93
N ASN A 166 -13.62 -4.10 0.14
CA ASN A 166 -12.86 -3.28 1.09
C ASN A 166 -11.73 -2.51 0.41
N ALA A 167 -10.98 -3.16 -0.48
CA ALA A 167 -9.96 -2.50 -1.28
C ALA A 167 -10.57 -2.01 -2.59
N PHE A 168 -10.96 -2.94 -3.48
CA PHE A 168 -11.59 -2.64 -4.75
C PHE A 168 -12.18 -3.95 -5.26
N ASP A 169 -12.94 -3.86 -6.34
CA ASP A 169 -13.69 -5.00 -6.86
C ASP A 169 -12.83 -5.82 -7.83
N CYS A 170 -13.10 -7.12 -7.87
CA CYS A 170 -12.27 -8.07 -8.62
C CYS A 170 -12.21 -7.73 -10.09
N CYS A 171 -11.01 -7.49 -10.60
CA CYS A 171 -10.80 -7.10 -12.00
C CYS A 171 -11.71 -5.94 -12.41
N ARG A 172 -12.08 -5.10 -11.44
CA ARG A 172 -12.89 -3.90 -11.68
CA ARG A 172 -12.89 -3.91 -11.67
C ARG A 172 -12.34 -2.73 -10.87
N ARG A 173 -11.02 -2.60 -10.78
N ARG A 173 -11.02 -2.61 -10.81
CA ARG A 173 -10.50 -1.45 -10.08
CA ARG A 173 -10.44 -1.49 -10.09
C ARG A 173 -10.96 -0.15 -10.72
C ARG A 173 -10.77 -0.14 -10.76
N ASP A 174 -11.13 -0.15 -12.05
CA ASP A 174 -11.46 1.07 -12.76
C ASP A 174 -12.77 1.69 -12.30
N SER A 175 -13.68 0.91 -11.75
CA SER A 175 -14.94 1.43 -11.27
C SER A 175 -14.99 1.51 -9.76
N SER A 176 -13.91 1.14 -9.06
CA SER A 176 -13.99 1.06 -7.62
C SER A 176 -12.78 1.59 -6.89
N ALA A 177 -11.78 2.13 -7.59
CA ALA A 177 -10.51 2.52 -6.96
C ALA A 177 -10.69 3.48 -5.80
N ASP A 178 -11.60 4.44 -5.95
CA ASP A 178 -11.68 5.49 -4.93
C ASP A 178 -12.68 5.18 -3.82
N HIS A 179 -13.19 3.96 -3.77
CA HIS A 179 -14.32 3.61 -2.92
C HIS A 179 -13.98 2.58 -1.86
N PHE A 180 -12.71 2.48 -1.49
CA PHE A 180 -12.30 1.56 -0.43
C PHE A 180 -13.02 1.91 0.88
N GLY A 181 -13.17 0.89 1.72
CA GLY A 181 -13.88 1.02 2.97
C GLY A 181 -12.96 1.34 4.14
N ASN A 182 -13.49 1.15 5.33
CA ASN A 182 -12.71 1.40 6.54
C ASN A 182 -11.48 0.48 6.53
N TYR A 183 -10.37 0.99 7.06
CA TYR A 183 -9.09 0.28 6.90
C TYR A 183 -9.14 -1.05 7.66
N GLN A 184 -8.53 -2.07 7.05
CA GLN A 184 -8.31 -3.34 7.74
C GLN A 184 -7.20 -3.22 8.78
N ALA A 185 -6.23 -2.35 8.55
CA ALA A 185 -5.17 -2.10 9.53
C ALA A 185 -4.60 -0.73 9.19
N TYR A 186 -4.09 -0.05 10.20
CA TYR A 186 -3.41 1.20 9.93
C TYR A 186 -2.41 1.49 11.03
N ALA A 187 -1.35 2.20 10.67
CA ALA A 187 -0.29 2.58 11.60
C ALA A 187 0.05 4.05 11.36
N ILE A 188 0.14 4.81 12.46
CA ILE A 188 0.48 6.23 12.44
C ILE A 188 1.58 6.48 13.47
N TRP A 189 2.73 6.96 13.00
CA TRP A 189 3.82 7.25 13.91
C TRP A 189 3.38 8.29 14.93
N GLY A 190 3.79 8.08 16.19
CA GLY A 190 3.52 9.01 17.24
C GLY A 190 2.19 8.81 17.90
N SER A 191 1.37 7.89 17.40
CA SER A 191 0.01 7.66 17.84
C SER A 191 -0.02 6.48 18.80
N LYS A 192 -1.21 6.22 19.33
CA LYS A 192 -1.45 5.03 20.12
C LYS A 192 -1.47 3.78 19.24
N THR A 193 -1.47 3.93 17.92
N THR A 193 -1.49 3.92 17.91
CA THR A 193 -1.43 2.82 16.98
CA THR A 193 -1.46 2.81 16.97
C THR A 193 -0.27 3.06 16.02
C THR A 193 -0.29 3.02 16.01
N ALA A 194 0.96 2.86 16.51
CA ALA A 194 2.19 2.97 15.67
C ALA A 194 2.55 1.67 14.92
N LYS A 195 2.00 0.58 15.35
CA LYS A 195 2.05 -0.72 14.71
C LYS A 195 0.63 -1.25 14.76
N ASP A 196 0.27 -2.14 13.82
CA ASP A 196 -1.05 -2.73 13.82
C ASP A 196 -0.95 -4.08 13.15
N GLU A 197 -2.03 -4.84 13.23
CA GLU A 197 -2.08 -6.15 12.61
C GLU A 197 -3.48 -6.43 12.11
N LEU A 198 -3.53 -7.30 11.12
CA LEU A 198 -4.77 -7.77 10.53
C LEU A 198 -4.70 -9.29 10.43
N THR A 199 -5.71 -9.96 10.98
CA THR A 199 -5.80 -11.41 10.88
C THR A 199 -6.98 -11.76 9.99
N VAL A 200 -6.71 -12.52 8.94
CA VAL A 200 -7.73 -12.88 7.95
C VAL A 200 -7.54 -14.34 7.54
N HIS A 201 -8.68 -15.01 7.29
CA HIS A 201 -8.63 -16.37 6.74
C HIS A 201 -8.63 -16.28 5.22
N LEU A 202 -7.67 -16.93 4.58
CA LEU A 202 -7.48 -16.87 3.13
C LEU A 202 -7.38 -18.27 2.54
N ASP A 203 -7.67 -18.36 1.24
CA ASP A 203 -7.54 -19.59 0.48
C ASP A 203 -6.34 -19.53 -0.45
N ALA A 204 -5.52 -20.60 -0.43
CA ALA A 204 -4.35 -20.65 -1.30
C ALA A 204 -4.75 -20.47 -2.76
N GLY A 205 -3.95 -19.70 -3.50
CA GLY A 205 -4.12 -19.60 -4.94
C GLY A 205 -5.21 -18.67 -5.41
N VAL A 206 -5.97 -18.07 -4.48
CA VAL A 206 -6.97 -17.03 -4.75
C VAL A 206 -6.29 -15.68 -4.66
N TYR A 207 -6.82 -14.68 -5.37
CA TYR A 207 -6.19 -13.37 -5.48
C TYR A 207 -7.02 -12.34 -4.72
N TYR A 208 -6.45 -11.76 -3.66
CA TYR A 208 -7.17 -10.82 -2.80
C TYR A 208 -6.77 -9.38 -3.10
N PRO A 209 -7.72 -8.51 -3.47
CA PRO A 209 -7.38 -7.09 -3.65
C PRO A 209 -6.71 -6.52 -2.43
N ILE A 210 -5.67 -5.72 -2.66
CA ILE A 210 -4.92 -5.09 -1.57
C ILE A 210 -4.57 -3.67 -1.99
N ARG A 211 -4.65 -2.75 -1.03
CA ARG A 211 -4.28 -1.35 -1.23
C ARG A 211 -3.45 -0.93 -0.02
N LEU A 212 -2.27 -0.38 -0.30
CA LEU A 212 -1.35 0.13 0.72
C LEU A 212 -1.13 1.61 0.43
N PHE A 213 -1.38 2.46 1.41
CA PHE A 213 -1.26 3.90 1.26
C PHE A 213 -0.31 4.41 2.33
N TYR A 214 0.80 5.01 1.87
CA TYR A 214 1.91 5.38 2.72
C TYR A 214 2.17 6.89 2.62
N ASN A 215 2.61 7.47 3.75
CA ASN A 215 3.11 8.85 3.74
C ASN A 215 4.27 9.04 4.70
N ASN A 216 5.22 9.86 4.28
CA ASN A 216 6.21 10.47 5.15
C ASN A 216 5.94 11.96 5.16
N ARG A 217 5.76 12.54 6.35
CA ARG A 217 5.48 13.97 6.47
C ARG A 217 6.73 14.82 6.71
N ASP A 218 7.81 14.19 7.16
CA ASP A 218 8.97 14.92 7.68
C ASP A 218 10.03 13.90 8.08
N TYR A 219 11.31 14.22 7.93
CA TYR A 219 12.38 13.52 8.66
C TYR A 219 12.39 12.02 8.31
N HIS A 220 12.63 11.16 9.28
CA HIS A 220 12.81 9.75 9.01
C HIS A 220 11.53 9.18 8.38
N GLY A 221 11.72 8.10 7.61
CA GLY A 221 10.61 7.33 7.09
C GLY A 221 10.85 5.86 7.30
N ALA A 222 9.77 5.10 7.35
CA ALA A 222 9.85 3.67 7.52
C ALA A 222 8.56 3.04 7.05
N LEU A 223 8.67 1.85 6.45
CA LEU A 223 7.52 1.05 6.08
C LEU A 223 7.92 -0.40 6.38
N SER A 224 7.06 -1.10 7.11
CA SER A 224 7.22 -2.53 7.34
C SER A 224 5.89 -3.22 7.12
N PHE A 225 5.92 -4.25 6.29
CA PHE A 225 4.74 -5.03 5.93
C PHE A 225 5.24 -6.47 5.82
N THR A 226 4.76 -7.33 6.72
CA THR A 226 5.15 -8.74 6.77
C THR A 226 3.93 -9.56 7.17
N PHE A 227 4.03 -10.89 7.08
CA PHE A 227 2.96 -11.73 7.61
C PHE A 227 3.49 -13.04 8.14
N LYS A 228 2.65 -13.67 8.94
CA LYS A 228 2.83 -15.04 9.41
C LYS A 228 1.52 -15.79 9.22
N THR A 229 1.62 -17.10 9.16
CA THR A 229 0.44 -17.94 9.14
C THR A 229 0.48 -18.85 10.34
N GLU A 230 -0.69 -19.38 10.71
CA GLU A 230 -0.75 -20.33 11.80
C GLU A 230 -0.01 -21.61 11.45
N SER A 231 0.29 -21.83 10.17
CA SER A 231 0.94 -23.04 9.70
CA SER A 231 0.94 -23.04 9.70
C SER A 231 2.35 -23.18 10.28
N ASN A 232 3.27 -22.31 9.87
CA ASN A 232 4.67 -22.44 10.26
C ASN A 232 5.13 -21.21 11.05
N GLU A 233 6.42 -21.22 11.40
CA GLU A 233 7.03 -20.23 12.28
C GLU A 233 7.81 -19.15 11.53
N ASN A 234 7.83 -19.17 10.22
CA ASN A 234 8.59 -18.19 9.45
C ASN A 234 7.78 -16.92 9.25
N THR A 235 8.42 -15.77 9.39
CA THR A 235 7.82 -14.50 9.01
C THR A 235 8.20 -14.27 7.56
N VAL A 236 7.19 -13.92 6.74
CA VAL A 236 7.39 -13.66 5.34
C VAL A 236 7.53 -12.15 5.16
N SER A 237 8.66 -11.77 4.58
CA SER A 237 8.95 -10.40 4.20
CA SER A 237 8.90 -10.39 4.19
C SER A 237 9.22 -10.22 2.72
N ASP A 238 9.40 -11.30 1.97
CA ASP A 238 9.69 -11.27 0.54
C ASP A 238 8.43 -11.70 -0.20
N PHE A 239 7.78 -10.75 -0.87
CA PHE A 239 6.51 -10.97 -1.51
C PHE A 239 6.62 -11.37 -2.98
N SER A 240 7.81 -11.80 -3.43
CA SER A 240 8.03 -12.16 -4.83
C SER A 240 6.99 -13.14 -5.40
N GLU A 241 6.55 -14.11 -4.60
CA GLU A 241 5.60 -15.11 -5.10
C GLU A 241 4.19 -14.86 -4.57
N TYR A 242 3.93 -13.65 -4.05
CA TYR A 242 2.67 -13.31 -3.41
C TYR A 242 1.93 -12.11 -4.02
N PHE A 243 2.63 -11.09 -4.50
CA PHE A 243 1.98 -9.90 -5.05
C PHE A 243 1.84 -10.03 -6.57
N PHE A 244 0.65 -9.72 -7.07
CA PHE A 244 0.37 -9.81 -8.49
C PHE A 244 -0.55 -8.67 -8.92
N SER A 245 -0.56 -8.45 -10.22
CA SER A 245 -1.45 -7.54 -10.89
C SER A 245 -2.31 -8.29 -11.90
N LEU A 246 -3.60 -7.95 -11.92
CA LEU A 246 -4.56 -8.54 -12.84
C LEU A 246 -5.19 -7.44 -13.68
N ASP A 247 -5.36 -7.72 -14.97
CA ASP A 247 -6.04 -6.76 -15.82
C ASP A 247 -7.51 -6.64 -15.42
N ASP A 248 -8.05 -5.42 -15.49
CA ASP A 248 -9.49 -5.27 -15.36
C ASP A 248 -10.18 -5.84 -16.58
N THR A 249 -11.40 -6.34 -16.38
CA THR A 249 -12.24 -6.85 -17.44
C THR A 249 -13.64 -6.31 -17.27
N GLU A 250 -14.41 -6.32 -18.36
CA GLU A 250 -15.77 -5.77 -18.31
C GLU A 250 -16.62 -6.44 -17.23
N GLU A 251 -16.58 -7.76 -17.15
CA GLU A 251 -17.43 -8.49 -16.23
C GLU A 251 -16.82 -8.70 -14.87
N GLY A 252 -15.54 -8.38 -14.69
CA GLY A 252 -14.88 -8.67 -13.44
C GLY A 252 -14.44 -10.12 -13.35
N CYS A 253 -13.75 -10.43 -12.26
CA CYS A 253 -13.25 -11.78 -12.00
C CYS A 253 -13.54 -12.19 -10.56
N PRO A 254 -14.81 -12.18 -10.17
CA PRO A 254 -15.14 -12.57 -8.78
C PRO A 254 -14.67 -13.98 -8.47
N GLY A 255 -14.36 -14.21 -7.18
CA GLY A 255 -13.87 -15.50 -6.77
C GLY A 255 -14.88 -16.59 -7.01
N LEU A 256 -14.40 -17.69 -7.58
CA LEU A 256 -15.22 -18.83 -7.97
C LEU A 256 -15.09 -19.99 -7.00
N ILE A 257 -14.30 -19.84 -5.94
CA ILE A 257 -13.96 -20.93 -5.05
C ILE A 257 -14.89 -21.02 -3.85
N SER A 258 -15.26 -19.88 -3.25
CA SER A 258 -16.05 -19.90 -2.03
C SER A 258 -17.45 -20.45 -2.30
N TYR A 259 -17.98 -21.20 -1.33
CA TYR A 259 -19.35 -21.68 -1.40
C TYR A 259 -19.77 -22.30 -0.07
C2 BGC B . 11.47 15.26 17.42
C3 BGC B . 11.40 14.68 16.07
C4 BGC B . 10.15 15.10 15.40
C5 BGC B . 9.99 16.61 15.42
C6 BGC B . 8.76 17.00 14.61
C1 BGC B . 11.33 16.78 17.38
O1 BGC B . 11.42 17.34 18.61
O2 BGC B . 12.74 14.90 18.01
O3 BGC B . 11.50 13.24 16.20
O4 BGC B . 10.16 14.67 14.02
O5 BGC B . 10.00 17.12 16.78
O6 BGC B . 7.51 16.73 15.23
H2 BGC B . 10.75 14.90 17.97
H3 BGC B . 12.16 14.96 15.52
H4 BGC B . 9.42 14.67 15.86
H5 BGC B . 10.73 17.05 14.95
H61 BGC B . 8.78 16.53 13.77
H62 BGC B . 8.80 17.97 14.44
H1 BGC B . 12.06 17.14 16.86
HO1 BGC B . 11.90 18.04 18.56
HO2 BGC B . 12.66 14.18 18.44
HO3 BGC B . 12.30 12.99 16.10
HO6 BGC B . 7.38 15.88 15.26
C1 GAL B . 9.45 13.52 13.82
C2 GAL B . 8.81 13.51 12.43
C3 GAL B . 8.07 12.23 12.32
C4 GAL B . 8.90 10.98 12.54
C5 GAL B . 9.68 11.13 13.85
C6 GAL B . 10.68 10.04 14.04
O2 GAL B . 7.95 14.65 12.30
O3 GAL B . 7.46 12.20 11.01
O4 GAL B . 9.77 10.83 11.41
O5 GAL B . 10.38 12.39 13.89
O6 GAL B . 11.28 10.14 15.31
H1 GAL B . 8.75 13.48 14.50
H2 GAL B . 9.46 13.59 11.72
H3 GAL B . 7.38 12.19 13.01
H4 GAL B . 8.37 10.18 12.60
H5 GAL B . 9.04 11.05 14.58
H61 GAL B . 10.23 9.18 13.98
H62 GAL B . 11.35 10.11 13.35
HO2 GAL B . 8.25 15.15 11.67
HO3 GAL B . 6.62 12.11 11.09
HO4 GAL B . 9.92 10.00 11.28
HO6 GAL B . 11.36 9.38 15.65
CA CA C . 8.52 10.91 9.25
CL CL D . -15.77 -8.63 -6.86
CL CL E . 13.24 16.41 7.08
NA NA F . 5.73 4.57 -15.54
#